data_1O6E
#
_entry.id   1O6E
#
_cell.length_a   52.800
_cell.length_b   52.800
_cell.length_c   330.500
_cell.angle_alpha   90.00
_cell.angle_beta   90.00
_cell.angle_gamma   120.00
#
_symmetry.space_group_name_H-M   'P 31 2 1'
#
loop_
_entity.id
_entity.type
_entity.pdbx_description
1 polymer 'CAPSID PROTEIN P40'
2 non-polymer PHOSPHORYLISOPROPANE
3 water water
#
_entity_poly.entity_id   1
_entity_poly.type   'polypeptide(L)'
_entity_poly.pdbx_seq_one_letter_code
;MVQAPSVYVCGFVERPDAPPKDACLHLDPLTVKSQLPLKKPLPLTVEHLPDAPVGSVFGLYQSSAGLFSAASITSGDFLS
LLDSIYHDCDIAQSQRLPLPREPKVEALHAWLPSLSLASLHPDIPQTTADGGKLSFFDHVSICALGRRRGTTAVYGTDLA
WVLKHFSDLEPSIAAQIENDANAAKRESGCPEDHPLPLTKLIAKAIDAGFLRNRVETLRQDRGVANIPAESYLKA
;
_entity_poly.pdbx_strand_id   A,B
#
# COMPACT_ATOMS: atom_id res chain seq x y z
N ALA A 4 -26.92 3.70 -10.28
CA ALA A 4 -25.45 3.98 -10.33
C ALA A 4 -24.82 3.46 -11.62
N PRO A 5 -23.97 4.28 -12.28
CA PRO A 5 -23.28 3.93 -13.54
C PRO A 5 -22.05 3.04 -13.37
N SER A 6 -21.43 2.69 -14.51
CA SER A 6 -20.24 1.83 -14.52
C SER A 6 -19.02 2.50 -15.19
N VAL A 7 -17.82 2.15 -14.73
CA VAL A 7 -16.59 2.73 -15.24
C VAL A 7 -15.87 1.82 -16.25
N TYR A 8 -15.24 2.42 -17.25
CA TYR A 8 -14.54 1.69 -18.29
C TYR A 8 -13.02 1.62 -18.09
N VAL A 9 -12.45 0.45 -18.29
CA VAL A 9 -11.01 0.33 -18.17
C VAL A 9 -10.47 -0.04 -19.54
N CYS A 10 -9.52 0.75 -20.01
CA CYS A 10 -8.91 0.52 -21.32
C CYS A 10 -7.40 0.73 -21.27
N GLY A 11 -6.69 0.05 -22.17
CA GLY A 11 -5.25 0.17 -22.22
C GLY A 11 -4.66 -1.06 -22.87
N PHE A 12 -3.35 -1.01 -23.10
CA PHE A 12 -2.68 -2.13 -23.72
C PHE A 12 -2.16 -3.12 -22.68
N VAL A 13 -2.55 -4.39 -22.81
CA VAL A 13 -2.10 -5.43 -21.90
C VAL A 13 -0.71 -5.90 -22.35
N GLU A 14 -0.41 -5.70 -23.64
CA GLU A 14 0.88 -6.07 -24.23
C GLU A 14 1.21 -5.17 -25.43
N ARG A 15 2.40 -4.59 -25.45
CA ARG A 15 2.82 -3.71 -26.54
C ARG A 15 4.19 -4.11 -27.11
N PRO A 16 4.21 -4.67 -28.34
CA PRO A 16 5.45 -5.09 -28.99
C PRO A 16 6.52 -4.01 -28.98
N ASP A 17 6.10 -2.75 -28.97
CA ASP A 17 7.03 -1.63 -28.97
C ASP A 17 7.69 -1.42 -27.60
N ALA A 18 7.16 -2.12 -26.60
CA ALA A 18 7.67 -2.09 -25.23
C ALA A 18 7.77 -3.54 -24.72
N PRO A 19 8.78 -4.29 -25.20
CA PRO A 19 9.10 -5.70 -24.89
C PRO A 19 9.49 -6.13 -23.47
N PRO A 20 9.39 -7.46 -23.21
CA PRO A 20 9.70 -8.15 -21.95
C PRO A 20 11.19 -8.48 -21.87
N LYS A 21 11.70 -8.69 -20.66
CA LYS A 21 13.10 -9.06 -20.50
C LYS A 21 13.17 -10.57 -20.35
N ASP A 22 12.03 -11.23 -20.22
CA ASP A 22 12.01 -12.68 -20.09
C ASP A 22 11.07 -13.38 -21.07
N ALA A 23 11.17 -14.70 -21.10
CA ALA A 23 10.41 -15.53 -22.04
C ALA A 23 8.95 -15.89 -21.79
N CYS A 24 8.56 -16.09 -20.54
CA CYS A 24 7.18 -16.48 -20.27
C CYS A 24 6.20 -15.32 -20.46
N LEU A 25 6.72 -14.08 -20.38
CA LEU A 25 5.88 -12.89 -20.55
C LEU A 25 5.76 -12.50 -22.01
N HIS A 26 5.94 -13.48 -22.90
CA HIS A 26 5.82 -13.23 -24.32
C HIS A 26 4.48 -13.76 -24.76
N LEU A 27 3.89 -13.12 -25.75
CA LEU A 27 2.60 -13.56 -26.26
C LEU A 27 2.86 -14.13 -27.64
N ASP A 28 2.12 -15.19 -28.00
CA ASP A 28 2.27 -15.83 -29.31
C ASP A 28 1.08 -15.49 -30.18
N PRO A 29 1.32 -14.79 -31.30
CA PRO A 29 0.27 -14.38 -32.24
C PRO A 29 -0.61 -15.57 -32.59
N LEU A 30 -0.11 -16.75 -32.30
CA LEU A 30 -0.75 -18.03 -32.52
C LEU A 30 -2.00 -18.13 -31.65
N THR A 31 -1.76 -18.03 -30.35
CA THR A 31 -2.85 -18.10 -29.38
C THR A 31 -3.74 -16.90 -29.58
N VAL A 32 -3.14 -15.79 -30.01
CA VAL A 32 -3.87 -14.56 -30.25
C VAL A 32 -4.98 -14.79 -31.26
N LYS A 33 -4.63 -15.11 -32.50
CA LYS A 33 -5.65 -15.35 -33.50
C LYS A 33 -6.46 -16.60 -33.19
N SER A 34 -6.10 -17.30 -32.11
CA SER A 34 -6.82 -18.51 -31.73
C SER A 34 -8.03 -18.17 -30.86
N GLN A 35 -7.79 -17.36 -29.84
CA GLN A 35 -8.84 -16.92 -28.92
C GLN A 35 -9.84 -16.06 -29.70
N LEU A 36 -9.30 -15.33 -30.69
CA LEU A 36 -10.08 -14.47 -31.58
C LEU A 36 -10.97 -13.42 -30.91
N PRO A 37 -12.12 -13.04 -31.54
CA PRO A 37 -12.91 -12.03 -30.84
C PRO A 37 -13.42 -12.44 -29.47
N LEU A 38 -14.74 -12.45 -29.35
CA LEU A 38 -15.35 -12.81 -28.10
C LEU A 38 -15.88 -14.23 -28.13
N LYS A 39 -16.03 -14.77 -26.94
CA LYS A 39 -16.61 -16.06 -26.77
C LYS A 39 -17.54 -15.34 -25.80
N LYS A 40 -17.65 -15.73 -24.55
CA LYS A 40 -18.53 -14.97 -23.66
C LYS A 40 -17.68 -13.92 -22.89
N PRO A 41 -18.32 -12.96 -22.20
CA PRO A 41 -17.53 -11.95 -21.46
C PRO A 41 -16.37 -12.56 -20.66
N LEU A 42 -15.38 -11.74 -20.35
CA LEU A 42 -14.23 -12.21 -19.59
C LEU A 42 -14.27 -11.60 -18.19
N PRO A 43 -14.10 -12.41 -17.14
CA PRO A 43 -14.12 -11.92 -15.77
C PRO A 43 -13.05 -10.86 -15.47
N LEU A 44 -13.49 -9.73 -14.93
CA LEU A 44 -12.56 -8.65 -14.57
C LEU A 44 -12.37 -8.73 -13.06
N THR A 45 -11.15 -9.08 -12.65
CA THR A 45 -10.84 -9.24 -11.24
C THR A 45 -9.81 -8.24 -10.73
N VAL A 46 -9.65 -8.22 -9.41
CA VAL A 46 -8.72 -7.33 -8.72
C VAL A 46 -7.50 -8.07 -8.21
N GLU A 47 -6.32 -7.63 -8.65
CA GLU A 47 -5.10 -8.27 -8.21
C GLU A 47 -5.17 -9.77 -8.42
N HIS A 48 -5.92 -10.18 -9.43
CA HIS A 48 -6.05 -11.59 -9.78
C HIS A 48 -6.87 -12.43 -8.79
N LEU A 49 -7.59 -11.77 -7.89
CA LEU A 49 -8.41 -12.49 -6.91
C LEU A 49 -9.71 -12.96 -7.54
N PRO A 50 -9.91 -14.29 -7.63
CA PRO A 50 -11.13 -14.88 -8.22
C PRO A 50 -12.38 -14.44 -7.46
N ASP A 51 -12.18 -14.04 -6.21
CA ASP A 51 -13.28 -13.60 -5.37
C ASP A 51 -13.37 -12.07 -5.28
N ALA A 52 -12.69 -11.42 -6.23
CA ALA A 52 -12.69 -9.96 -6.33
C ALA A 52 -13.12 -9.53 -7.73
N PRO A 53 -14.23 -10.10 -8.26
CA PRO A 53 -14.74 -9.77 -9.58
C PRO A 53 -15.46 -8.43 -9.48
N VAL A 54 -15.03 -7.46 -10.28
CA VAL A 54 -15.64 -6.15 -10.24
C VAL A 54 -16.30 -5.73 -11.56
N GLY A 55 -16.05 -6.48 -12.62
CA GLY A 55 -16.64 -6.16 -13.91
C GLY A 55 -16.48 -7.27 -14.92
N SER A 56 -16.28 -6.91 -16.19
CA SER A 56 -16.12 -7.90 -17.23
C SER A 56 -15.45 -7.31 -18.47
N VAL A 57 -14.57 -8.09 -19.09
CA VAL A 57 -13.86 -7.67 -20.28
C VAL A 57 -14.77 -8.01 -21.45
N PHE A 58 -15.14 -7.01 -22.23
CA PHE A 58 -16.03 -7.22 -23.36
C PHE A 58 -15.34 -7.22 -24.73
N GLY A 59 -14.07 -7.62 -24.75
CA GLY A 59 -13.34 -7.65 -26.00
C GLY A 59 -11.89 -7.26 -25.90
N LEU A 60 -11.07 -7.88 -26.74
CA LEU A 60 -9.65 -7.61 -26.82
C LEU A 60 -9.38 -7.48 -28.32
N TYR A 61 -8.46 -6.60 -28.70
CA TYR A 61 -8.20 -6.40 -30.11
C TYR A 61 -6.70 -6.20 -30.37
N GLN A 62 -6.30 -6.31 -31.64
CA GLN A 62 -4.90 -6.14 -32.02
C GLN A 62 -4.65 -4.80 -32.68
N SER A 63 -3.41 -4.34 -32.58
CA SER A 63 -3.01 -3.07 -33.16
C SER A 63 -1.57 -3.15 -33.63
N SER A 64 -1.22 -2.25 -34.56
CA SER A 64 0.13 -2.19 -35.07
C SER A 64 1.04 -1.96 -33.87
N ALA A 65 0.43 -1.48 -32.78
CA ALA A 65 1.16 -1.18 -31.56
C ALA A 65 1.15 -2.29 -30.50
N GLY A 66 0.08 -3.07 -30.46
CA GLY A 66 0.01 -4.15 -29.49
C GLY A 66 -1.41 -4.60 -29.20
N LEU A 67 -1.58 -5.40 -28.15
CA LEU A 67 -2.89 -5.91 -27.76
C LEU A 67 -3.61 -4.91 -26.85
N PHE A 68 -4.88 -4.66 -27.15
CA PHE A 68 -5.70 -3.71 -26.40
C PHE A 68 -6.84 -4.42 -25.68
N SER A 69 -7.13 -3.99 -24.46
CA SER A 69 -8.19 -4.57 -23.65
C SER A 69 -9.25 -3.55 -23.23
N ALA A 70 -10.51 -3.90 -23.48
CA ALA A 70 -11.63 -3.03 -23.13
C ALA A 70 -12.53 -3.78 -22.15
N ALA A 71 -12.74 -3.18 -20.98
CA ALA A 71 -13.57 -3.79 -19.95
C ALA A 71 -14.45 -2.75 -19.28
N SER A 72 -15.29 -3.21 -18.37
CA SER A 72 -16.20 -2.32 -17.67
C SER A 72 -16.43 -2.78 -16.26
N ILE A 73 -16.48 -1.83 -15.33
CA ILE A 73 -16.70 -2.12 -13.91
C ILE A 73 -18.15 -1.84 -13.57
N THR A 74 -18.88 -2.83 -13.06
CA THR A 74 -20.28 -2.64 -12.73
C THR A 74 -20.68 -2.99 -11.29
N SER A 75 -19.71 -3.40 -10.48
CA SER A 75 -19.97 -3.78 -9.09
C SER A 75 -20.25 -2.60 -8.17
N GLY A 76 -21.52 -2.46 -7.80
CA GLY A 76 -21.93 -1.36 -6.93
C GLY A 76 -21.12 -1.24 -5.66
N ASP A 77 -20.82 -2.37 -5.02
CA ASP A 77 -20.06 -2.39 -3.78
C ASP A 77 -18.61 -1.93 -3.96
N PHE A 78 -18.12 -2.01 -5.20
CA PHE A 78 -16.75 -1.59 -5.48
C PHE A 78 -16.75 -0.15 -5.95
N LEU A 79 -17.85 0.26 -6.57
CA LEU A 79 -18.00 1.64 -7.06
C LEU A 79 -18.11 2.61 -5.87
N SER A 80 -18.68 2.13 -4.77
CA SER A 80 -18.84 2.92 -3.56
C SER A 80 -17.58 2.86 -2.70
N LEU A 81 -16.71 1.91 -3.04
CA LEU A 81 -15.46 1.73 -2.32
C LEU A 81 -14.45 2.75 -2.80
N LEU A 82 -14.51 3.07 -4.09
CA LEU A 82 -13.58 4.06 -4.65
C LEU A 82 -14.07 5.41 -4.17
N ASP A 83 -15.30 5.42 -3.69
CA ASP A 83 -15.97 6.60 -3.14
C ASP A 83 -15.39 6.83 -1.75
N SER A 84 -15.50 5.82 -0.91
CA SER A 84 -14.97 5.88 0.44
C SER A 84 -13.51 6.22 0.30
N ILE A 85 -12.76 5.26 -0.22
CA ILE A 85 -11.33 5.37 -0.43
C ILE A 85 -10.84 6.76 -0.87
N TYR A 86 -11.59 7.48 -1.69
CA TYR A 86 -11.12 8.78 -2.16
C TYR A 86 -10.89 9.91 -1.15
N HIS A 87 -11.78 10.06 -0.18
CA HIS A 87 -11.66 11.13 0.82
C HIS A 87 -10.72 10.76 1.98
N ASP A 88 -10.08 9.61 1.83
CA ASP A 88 -9.13 9.06 2.80
C ASP A 88 -7.78 8.79 2.13
N CYS A 89 -7.71 8.98 0.81
CA CYS A 89 -6.46 8.73 0.08
C CYS A 89 -5.83 10.02 -0.44
N ASP A 90 -4.82 10.52 0.27
CA ASP A 90 -4.14 11.74 -0.11
C ASP A 90 -3.57 11.66 -1.52
N ILE A 91 -3.06 10.49 -1.89
CA ILE A 91 -2.50 10.27 -3.24
C ILE A 91 -3.58 10.32 -4.32
N ALA A 92 -4.79 9.90 -3.95
CA ALA A 92 -5.92 9.92 -4.88
C ALA A 92 -6.41 11.37 -5.04
N GLN A 93 -6.61 12.04 -3.90
CA GLN A 93 -7.08 13.42 -3.86
C GLN A 93 -6.16 14.37 -4.62
N SER A 94 -4.86 14.28 -4.35
CA SER A 94 -3.89 15.14 -5.00
C SER A 94 -3.63 14.71 -6.44
N GLN A 95 -3.67 15.68 -7.35
CA GLN A 95 -3.43 15.40 -8.75
C GLN A 95 -2.02 15.83 -9.15
N ARG A 96 -1.47 15.14 -10.15
CA ARG A 96 -0.13 15.42 -10.67
C ARG A 96 -0.17 16.72 -11.48
N LEU A 97 -1.29 16.94 -12.15
CA LEU A 97 -1.55 18.13 -12.96
C LEU A 97 -3.00 18.54 -12.71
N PRO A 98 -3.31 19.85 -12.81
CA PRO A 98 -4.68 20.34 -12.59
C PRO A 98 -5.75 19.80 -13.54
N LEU A 99 -6.66 18.98 -13.00
CA LEU A 99 -7.74 18.40 -13.77
C LEU A 99 -8.97 18.29 -12.89
N PRO A 100 -10.16 18.41 -13.49
CA PRO A 100 -11.43 18.34 -12.77
C PRO A 100 -11.56 17.10 -11.90
N ARG A 101 -11.69 17.35 -10.61
CA ARG A 101 -11.84 16.33 -9.58
C ARG A 101 -12.66 15.12 -10.07
N GLU A 102 -12.22 13.91 -9.74
CA GLU A 102 -12.89 12.67 -10.16
C GLU A 102 -12.75 11.53 -9.16
N PRO A 103 -13.51 11.55 -8.05
CA PRO A 103 -13.42 10.50 -7.03
C PRO A 103 -13.04 9.08 -7.48
N LYS A 104 -14.04 8.24 -7.69
CA LYS A 104 -13.87 6.85 -8.10
C LYS A 104 -12.68 6.58 -9.04
N VAL A 105 -12.51 7.44 -10.04
CA VAL A 105 -11.43 7.33 -11.04
C VAL A 105 -10.04 7.62 -10.53
N GLU A 106 -9.93 8.68 -9.73
CA GLU A 106 -8.65 9.09 -9.15
C GLU A 106 -8.16 7.96 -8.26
N ALA A 107 -9.10 7.29 -7.60
CA ALA A 107 -8.78 6.18 -6.70
C ALA A 107 -8.27 4.99 -7.51
N LEU A 108 -8.94 4.70 -8.60
CA LEU A 108 -8.54 3.60 -9.45
C LEU A 108 -7.10 3.77 -9.89
N HIS A 109 -6.73 4.98 -10.31
CA HIS A 109 -5.39 5.24 -10.78
C HIS A 109 -4.26 5.20 -9.74
N ALA A 110 -4.61 5.31 -8.47
CA ALA A 110 -3.59 5.28 -7.41
C ALA A 110 -3.53 3.90 -6.79
N TRP A 111 -4.69 3.25 -6.77
CA TRP A 111 -4.87 1.93 -6.20
C TRP A 111 -4.53 0.80 -7.18
N LEU A 112 -5.27 0.75 -8.29
CA LEU A 112 -5.07 -0.29 -9.28
C LEU A 112 -4.91 0.30 -10.69
N PRO A 113 -3.80 1.00 -10.95
CA PRO A 113 -3.54 1.62 -12.26
C PRO A 113 -3.28 0.71 -13.50
N SER A 114 -2.55 -0.38 -13.31
CA SER A 114 -2.22 -1.25 -14.42
C SER A 114 -3.22 -2.37 -14.76
N LEU A 115 -2.95 -3.03 -15.88
CA LEU A 115 -3.78 -4.12 -16.38
C LEU A 115 -2.92 -5.37 -16.46
N SER A 116 -3.53 -6.52 -16.19
CA SER A 116 -2.80 -7.77 -16.25
C SER A 116 -3.61 -8.85 -16.95
N LEU A 117 -3.03 -9.40 -18.00
CA LEU A 117 -3.67 -10.46 -18.76
C LEU A 117 -3.13 -11.82 -18.31
N ALA A 118 -4.01 -12.62 -17.71
CA ALA A 118 -3.63 -13.94 -17.23
C ALA A 118 -4.20 -15.02 -18.16
N SER A 119 -3.35 -16.05 -18.40
CA SER A 119 -3.75 -17.16 -19.27
C SER A 119 -3.41 -18.50 -18.63
N LEU A 120 -4.29 -19.47 -18.83
CA LEU A 120 -4.12 -20.83 -18.30
C LEU A 120 -3.29 -21.61 -19.30
N HIS A 121 -2.20 -22.21 -18.81
CA HIS A 121 -1.26 -22.99 -19.62
C HIS A 121 -1.17 -24.44 -19.18
N PRO A 122 -0.86 -25.34 -20.12
CA PRO A 122 -0.75 -26.77 -19.79
C PRO A 122 0.45 -27.10 -18.88
N ASP A 123 0.32 -28.21 -18.15
CA ASP A 123 1.37 -28.67 -17.25
C ASP A 123 2.64 -28.92 -18.05
N ILE A 124 2.46 -29.71 -19.11
CA ILE A 124 3.52 -30.11 -20.02
C ILE A 124 3.13 -29.55 -21.39
N PRO A 125 4.10 -29.36 -22.20
CA PRO A 125 3.74 -28.92 -23.55
C PRO A 125 2.60 -29.83 -23.99
N GLN A 126 1.42 -29.23 -24.18
CA GLN A 126 0.23 -29.97 -24.55
C GLN A 126 -0.22 -29.87 -26.00
N THR A 127 -0.33 -28.65 -26.51
CA THR A 127 -0.77 -28.55 -27.88
C THR A 127 -0.13 -27.43 -28.66
N THR A 128 1.13 -27.57 -29.03
CA THR A 128 1.73 -26.57 -29.89
C THR A 128 0.94 -26.95 -31.14
N ALA A 129 -0.32 -26.48 -31.20
CA ALA A 129 -1.23 -26.80 -32.29
C ALA A 129 -0.64 -26.55 -33.67
N ASP A 130 0.68 -26.63 -33.77
CA ASP A 130 1.42 -26.41 -35.02
C ASP A 130 0.74 -25.30 -35.80
N GLY A 131 0.16 -24.40 -35.02
CA GLY A 131 -0.54 -23.24 -35.51
C GLY A 131 -0.26 -22.28 -34.38
N GLY A 132 0.40 -22.82 -33.35
CA GLY A 132 0.76 -22.06 -32.18
C GLY A 132 0.85 -22.82 -30.89
N LYS A 133 1.23 -22.12 -29.82
CA LYS A 133 1.35 -22.71 -28.49
C LYS A 133 -0.01 -22.57 -27.81
N LEU A 134 -0.35 -23.52 -26.93
CA LEU A 134 -1.65 -23.49 -26.26
C LEU A 134 -1.72 -22.68 -24.96
N SER A 135 -2.77 -21.86 -24.87
CA SER A 135 -3.03 -21.00 -23.70
C SER A 135 -4.51 -20.60 -23.72
N PHE A 136 -5.12 -20.51 -22.55
CA PHE A 136 -6.51 -20.11 -22.46
C PHE A 136 -6.65 -18.82 -21.64
N PHE A 137 -7.19 -17.77 -22.25
CA PHE A 137 -7.39 -16.50 -21.55
C PHE A 137 -8.53 -16.66 -20.54
N ASP A 138 -8.24 -16.57 -19.24
CA ASP A 138 -9.31 -16.73 -18.25
C ASP A 138 -9.78 -15.42 -17.61
N HIS A 139 -8.90 -14.43 -17.55
CA HIS A 139 -9.27 -13.13 -16.98
C HIS A 139 -8.20 -12.05 -17.04
N VAL A 140 -8.66 -10.82 -16.90
CA VAL A 140 -7.79 -9.65 -16.87
C VAL A 140 -8.04 -9.05 -15.51
N SER A 141 -6.97 -8.68 -14.84
CA SER A 141 -7.06 -8.08 -13.51
C SER A 141 -6.47 -6.69 -13.52
N ILE A 142 -7.00 -5.87 -12.63
CA ILE A 142 -6.52 -4.52 -12.43
C ILE A 142 -5.58 -4.67 -11.24
N CYS A 143 -4.37 -4.14 -11.36
CA CYS A 143 -3.37 -4.27 -10.30
C CYS A 143 -2.55 -3.01 -10.05
N ALA A 144 -1.60 -3.12 -9.13
CA ALA A 144 -0.72 -2.02 -8.77
C ALA A 144 0.25 -1.64 -9.87
N LEU A 145 0.86 -2.64 -10.52
CA LEU A 145 1.83 -2.42 -11.60
C LEU A 145 2.07 -3.72 -12.38
N GLY A 146 1.50 -3.80 -13.58
CA GLY A 146 1.65 -4.97 -14.43
C GLY A 146 3.09 -5.40 -14.64
N ARG A 147 3.27 -6.68 -14.91
CA ARG A 147 4.60 -7.25 -15.15
C ARG A 147 5.04 -6.97 -16.58
N ARG A 148 4.06 -6.61 -17.41
CA ARG A 148 4.31 -6.26 -18.80
C ARG A 148 4.36 -4.73 -18.84
N ARG A 149 4.95 -4.16 -19.89
CA ARG A 149 5.06 -2.69 -19.99
C ARG A 149 3.94 -2.05 -20.80
N GLY A 150 3.87 -0.71 -20.77
CA GLY A 150 2.84 0.00 -21.49
C GLY A 150 1.44 -0.37 -21.00
N THR A 151 1.43 -1.20 -19.95
CA THR A 151 0.23 -1.71 -19.30
C THR A 151 -0.60 -0.64 -18.61
N THR A 152 0.02 0.51 -18.36
CA THR A 152 -0.65 1.64 -17.73
C THR A 152 -2.04 1.81 -18.36
N ALA A 153 -3.08 1.49 -17.58
CA ALA A 153 -4.47 1.58 -18.06
C ALA A 153 -5.11 2.96 -17.92
N VAL A 154 -6.31 3.09 -18.50
CA VAL A 154 -7.08 4.33 -18.45
C VAL A 154 -8.52 4.07 -17.98
N TYR A 155 -8.93 4.79 -16.95
CA TYR A 155 -10.27 4.66 -16.37
C TYR A 155 -11.14 5.88 -16.74
N GLY A 156 -12.42 5.64 -16.98
CA GLY A 156 -13.31 6.72 -17.34
C GLY A 156 -14.79 6.38 -17.32
N THR A 157 -15.59 7.40 -17.58
CA THR A 157 -17.04 7.24 -17.59
C THR A 157 -17.61 6.86 -18.97
N ASP A 158 -17.08 7.48 -20.02
CA ASP A 158 -17.54 7.20 -21.39
C ASP A 158 -16.35 6.79 -22.25
N LEU A 159 -16.51 5.71 -23.00
CA LEU A 159 -15.45 5.19 -23.86
C LEU A 159 -14.88 6.20 -24.85
N ALA A 160 -15.77 7.00 -25.43
CA ALA A 160 -15.35 8.02 -26.39
C ALA A 160 -14.10 8.69 -25.86
N TRP A 161 -14.25 9.33 -24.69
CA TRP A 161 -13.15 10.02 -24.02
C TRP A 161 -12.07 9.07 -23.53
N VAL A 162 -12.49 7.93 -22.96
CA VAL A 162 -11.57 6.93 -22.43
C VAL A 162 -10.62 6.37 -23.48
N LEU A 163 -11.14 6.17 -24.69
CA LEU A 163 -10.35 5.61 -25.77
C LEU A 163 -9.52 6.63 -26.54
N LYS A 164 -9.77 7.90 -26.30
CA LYS A 164 -9.02 8.95 -26.99
C LYS A 164 -7.56 8.98 -26.52
N HIS A 165 -7.36 8.75 -25.22
CA HIS A 165 -6.04 8.76 -24.61
C HIS A 165 -4.99 7.96 -25.34
N PHE A 166 -5.44 7.10 -26.25
CA PHE A 166 -4.53 6.24 -26.98
C PHE A 166 -4.30 6.72 -28.42
N SER A 167 -3.20 7.42 -28.62
CA SER A 167 -2.85 7.94 -29.93
C SER A 167 -2.75 6.79 -30.92
N ASP A 168 -1.65 6.06 -30.81
CA ASP A 168 -1.33 4.93 -31.67
C ASP A 168 -2.42 3.87 -31.87
N LEU A 169 -3.59 4.05 -31.27
CA LEU A 169 -4.68 3.09 -31.45
C LEU A 169 -5.47 3.47 -32.71
N GLU A 170 -5.77 2.47 -33.53
CA GLU A 170 -6.50 2.71 -34.78
C GLU A 170 -7.99 2.99 -34.52
N PRO A 171 -8.50 4.10 -35.07
CA PRO A 171 -9.89 4.56 -34.97
C PRO A 171 -10.92 3.48 -35.31
N SER A 172 -10.50 2.56 -36.19
CA SER A 172 -11.33 1.47 -36.68
C SER A 172 -11.81 0.56 -35.55
N ILE A 173 -10.90 0.29 -34.60
CA ILE A 173 -11.21 -0.57 -33.47
C ILE A 173 -12.00 0.21 -32.43
N ALA A 174 -11.54 1.41 -32.12
CA ALA A 174 -12.20 2.26 -31.15
C ALA A 174 -13.65 2.51 -31.57
N ALA A 175 -13.86 2.75 -32.86
CA ALA A 175 -15.20 3.02 -33.37
C ALA A 175 -16.14 1.85 -33.12
N GLN A 176 -15.64 0.64 -33.33
CA GLN A 176 -16.40 -0.60 -33.15
C GLN A 176 -16.51 -1.04 -31.68
N ILE A 177 -15.44 -0.79 -30.94
CA ILE A 177 -15.38 -1.16 -29.52
C ILE A 177 -16.47 -0.40 -28.72
N GLU A 178 -16.76 0.82 -29.14
CA GLU A 178 -17.79 1.63 -28.47
C GLU A 178 -19.16 0.99 -28.60
N ASN A 179 -19.27 0.00 -29.48
CA ASN A 179 -20.54 -0.69 -29.71
C ASN A 179 -20.67 -1.98 -28.92
N ASP A 180 -19.56 -2.68 -28.74
CA ASP A 180 -19.55 -3.92 -27.99
C ASP A 180 -19.96 -3.59 -26.55
N ALA A 181 -19.76 -2.34 -26.18
CA ALA A 181 -20.10 -1.84 -24.85
C ALA A 181 -21.61 -1.79 -24.67
N ASN A 182 -22.28 -1.14 -25.63
CA ASN A 182 -23.73 -1.02 -25.61
C ASN A 182 -24.35 -2.37 -25.82
N ALA A 183 -23.67 -3.18 -26.63
CA ALA A 183 -24.12 -4.55 -26.92
C ALA A 183 -24.14 -5.35 -25.62
N ALA A 184 -23.01 -5.35 -24.91
CA ALA A 184 -22.87 -6.08 -23.66
C ALA A 184 -23.84 -5.59 -22.59
N LYS A 185 -24.20 -4.32 -22.67
CA LYS A 185 -25.12 -3.69 -21.71
C LYS A 185 -26.46 -4.40 -21.55
N ARG A 186 -26.60 -5.56 -22.17
CA ARG A 186 -27.82 -6.36 -22.10
C ARG A 186 -27.72 -7.30 -20.91
N HIS A 194 -19.66 -11.71 -3.73
CA HIS A 194 -18.37 -11.66 -3.02
C HIS A 194 -18.09 -10.28 -2.47
N PRO A 195 -18.65 -9.95 -1.30
CA PRO A 195 -18.43 -8.63 -0.72
C PRO A 195 -17.21 -7.93 -1.33
N LEU A 196 -16.02 -8.36 -0.91
CA LEU A 196 -14.71 -7.85 -1.36
C LEU A 196 -13.72 -7.98 -0.21
N PRO A 197 -13.12 -9.18 -0.02
CA PRO A 197 -12.16 -9.42 1.07
C PRO A 197 -11.18 -8.26 1.32
N LEU A 198 -11.70 -7.20 1.92
CA LEU A 198 -10.93 -6.00 2.23
C LEU A 198 -9.59 -6.36 2.83
N THR A 199 -9.56 -7.43 3.61
CA THR A 199 -8.34 -7.86 4.26
C THR A 199 -7.36 -8.41 3.22
N LYS A 200 -7.89 -9.16 2.26
CA LYS A 200 -7.05 -9.71 1.22
C LYS A 200 -6.57 -8.59 0.30
N LEU A 201 -7.42 -7.58 0.11
CA LEU A 201 -7.12 -6.41 -0.73
C LEU A 201 -6.06 -5.54 -0.10
N ILE A 202 -6.13 -5.40 1.23
CA ILE A 202 -5.13 -4.60 1.96
C ILE A 202 -3.78 -5.28 1.81
N ALA A 203 -3.75 -6.59 2.02
CA ALA A 203 -2.51 -7.36 1.89
C ALA A 203 -1.92 -7.15 0.50
N LYS A 204 -2.78 -7.18 -0.51
CA LYS A 204 -2.35 -6.96 -1.88
C LYS A 204 -1.79 -5.57 -2.04
N ALA A 205 -2.36 -4.62 -1.31
CA ALA A 205 -1.91 -3.23 -1.34
C ALA A 205 -0.59 -3.06 -0.57
N ILE A 206 -0.40 -3.91 0.43
CA ILE A 206 0.82 -3.95 1.24
C ILE A 206 1.98 -4.37 0.34
N ASP A 207 1.76 -5.43 -0.43
CA ASP A 207 2.75 -5.99 -1.36
C ASP A 207 3.24 -4.91 -2.32
N ALA A 208 2.32 -4.05 -2.75
CA ALA A 208 2.61 -2.96 -3.68
C ALA A 208 3.52 -1.95 -3.02
N GLY A 209 3.52 -1.95 -1.68
CA GLY A 209 4.36 -1.05 -0.93
C GLY A 209 5.81 -1.49 -1.01
N PHE A 210 6.04 -2.71 -1.51
CA PHE A 210 7.39 -3.22 -1.64
C PHE A 210 7.74 -3.63 -3.07
N LEU A 211 7.85 -2.61 -3.91
CA LEU A 211 8.20 -2.73 -5.32
C LEU A 211 9.24 -1.62 -5.54
N ARG A 212 10.26 -1.88 -6.38
CA ARG A 212 11.28 -0.87 -6.65
C ARG A 212 10.93 -0.08 -7.94
N ASN A 213 10.99 1.26 -7.86
CA ASN A 213 10.69 2.10 -9.01
C ASN A 213 9.27 1.91 -9.54
N ARG A 214 8.26 1.91 -8.66
CA ARG A 214 6.90 1.71 -9.15
C ARG A 214 6.34 2.96 -9.84
N VAL A 215 6.44 4.08 -9.14
CA VAL A 215 5.95 5.37 -9.64
C VAL A 215 6.68 5.77 -10.93
N GLU A 216 7.99 5.55 -10.94
CA GLU A 216 8.86 5.89 -12.07
C GLU A 216 8.69 4.94 -13.24
N THR A 217 8.14 3.79 -12.95
CA THR A 217 7.87 2.76 -13.93
C THR A 217 6.50 2.99 -14.56
N LEU A 218 5.59 3.55 -13.76
CA LEU A 218 4.23 3.86 -14.19
C LEU A 218 4.32 5.08 -15.11
N ARG A 219 5.37 5.88 -14.93
CA ARG A 219 5.58 7.07 -15.74
C ARG A 219 5.96 6.69 -17.15
N GLN A 220 6.94 5.80 -17.25
CA GLN A 220 7.44 5.32 -18.52
C GLN A 220 6.34 4.57 -19.24
N ASP A 221 5.42 4.02 -18.48
CA ASP A 221 4.30 3.27 -19.05
C ASP A 221 3.31 4.16 -19.79
N ARG A 222 2.98 5.31 -19.21
CA ARG A 222 2.03 6.20 -19.88
C ARG A 222 2.72 6.85 -21.07
N GLY A 223 4.05 6.92 -21.02
CA GLY A 223 4.80 7.47 -22.13
C GLY A 223 4.87 6.45 -23.26
N VAL A 224 5.05 5.18 -22.90
CA VAL A 224 5.12 4.12 -23.90
C VAL A 224 3.76 3.75 -24.49
N ALA A 225 2.70 3.83 -23.69
CA ALA A 225 1.35 3.49 -24.14
C ALA A 225 0.70 4.64 -24.91
N ASN A 226 1.47 5.73 -25.05
CA ASN A 226 1.01 6.94 -25.74
C ASN A 226 -0.31 7.53 -25.24
N ILE A 227 -0.27 7.93 -23.97
CA ILE A 227 -1.38 8.57 -23.26
C ILE A 227 -0.82 9.94 -22.90
N PRO A 228 -1.63 11.01 -23.03
CA PRO A 228 -1.20 12.37 -22.71
C PRO A 228 -0.87 12.65 -21.25
N ALA A 229 -0.15 13.75 -20.99
CA ALA A 229 0.20 14.13 -19.63
C ALA A 229 -1.08 14.63 -18.98
N GLU A 230 -1.98 15.14 -19.82
CA GLU A 230 -3.28 15.64 -19.39
C GLU A 230 -4.25 14.47 -19.33
N SER A 231 -4.05 13.59 -18.36
CA SER A 231 -4.87 12.40 -18.14
C SER A 231 -4.94 12.22 -16.63
N TYR A 232 -5.65 11.21 -16.14
CA TYR A 232 -5.73 11.03 -14.68
C TYR A 232 -4.78 10.00 -14.08
N LEU A 233 -3.62 9.88 -14.68
CA LEU A 233 -2.59 8.93 -14.22
C LEU A 233 -1.82 9.57 -13.08
N LYS A 234 -1.83 8.91 -11.93
CA LYS A 234 -1.15 9.40 -10.74
C LYS A 234 0.36 9.38 -10.86
N ALA A 235 0.86 8.94 -12.00
CA ALA A 235 2.31 8.88 -12.19
C ALA A 235 2.70 9.27 -13.62
N ALA B 4 -5.56 -13.66 24.91
CA ALA B 4 -5.19 -12.24 25.22
C ALA B 4 -3.68 -12.00 25.13
N PRO B 5 -3.05 -12.38 23.99
CA PRO B 5 -1.60 -12.18 23.80
C PRO B 5 -1.34 -10.87 23.06
N SER B 6 -0.43 -10.05 23.55
CA SER B 6 -0.14 -8.76 22.90
C SER B 6 1.30 -8.53 22.41
N VAL B 7 1.42 -7.68 21.39
CA VAL B 7 2.71 -7.34 20.78
C VAL B 7 3.29 -6.13 21.48
N TYR B 8 4.56 -5.85 21.21
CA TYR B 8 5.27 -4.71 21.76
C TYR B 8 5.90 -3.93 20.62
N VAL B 9 5.71 -2.62 20.63
CA VAL B 9 6.24 -1.74 19.61
C VAL B 9 7.34 -0.86 20.22
N CYS B 10 8.56 -0.94 19.71
CA CYS B 10 9.67 -0.12 20.26
C CYS B 10 10.54 0.48 19.17
N GLY B 11 11.17 1.61 19.48
CA GLY B 11 12.03 2.24 18.50
C GLY B 11 12.16 3.71 18.81
N PHE B 12 12.99 4.41 18.06
CA PHE B 12 13.16 5.84 18.30
C PHE B 12 12.23 6.64 17.42
N VAL B 13 11.46 7.53 18.04
CA VAL B 13 10.55 8.38 17.28
C VAL B 13 11.33 9.58 16.74
N GLU B 14 12.46 9.88 17.39
CA GLU B 14 13.32 10.97 16.95
C GLU B 14 14.77 10.75 17.40
N ARG B 15 15.70 10.86 16.44
CA ARG B 15 17.13 10.70 16.69
C ARG B 15 17.85 11.94 16.16
N PRO B 16 18.88 12.42 16.89
CA PRO B 16 19.62 13.59 16.43
C PRO B 16 20.60 13.29 15.30
N ASP B 17 21.14 12.07 15.29
CA ASP B 17 22.08 11.66 14.26
C ASP B 17 21.35 11.36 12.96
N ALA B 18 20.04 11.51 13.01
CA ALA B 18 19.17 11.29 11.85
C ALA B 18 18.18 12.46 11.80
N PRO B 19 18.71 13.70 11.76
CA PRO B 19 17.88 14.90 11.71
C PRO B 19 17.38 15.20 10.30
N PRO B 20 16.07 15.47 10.16
CA PRO B 20 15.50 15.78 8.84
C PRO B 20 15.82 17.23 8.49
N LYS B 21 15.70 17.57 7.21
CA LYS B 21 15.97 18.93 6.79
C LYS B 21 14.84 19.87 7.20
N ASP B 22 13.69 19.30 7.52
CA ASP B 22 12.57 20.13 7.93
C ASP B 22 12.65 20.48 9.40
N ALA B 23 12.50 21.77 9.69
CA ALA B 23 12.57 22.25 11.05
C ALA B 23 11.28 21.99 11.83
N CYS B 24 10.17 21.74 11.13
CA CYS B 24 8.93 21.51 11.86
C CYS B 24 9.07 20.25 12.69
N LEU B 25 9.62 19.22 12.06
CA LEU B 25 9.85 17.93 12.71
C LEU B 25 10.64 18.11 14.02
N HIS B 26 11.61 19.02 14.01
CA HIS B 26 12.41 19.26 15.20
C HIS B 26 11.53 19.38 16.42
N LEU B 27 11.89 18.65 17.46
CA LEU B 27 11.15 18.66 18.70
C LEU B 27 12.00 19.43 19.70
N ASP B 28 11.42 20.41 20.37
CA ASP B 28 12.17 21.19 21.35
C ASP B 28 12.38 20.29 22.58
N PRO B 29 13.64 19.87 22.84
CA PRO B 29 13.95 19.00 24.00
C PRO B 29 13.39 19.61 25.27
N LEU B 30 13.07 20.89 25.19
CA LEU B 30 12.55 21.55 26.34
C LEU B 30 11.11 21.11 26.57
N THR B 31 10.28 21.13 25.54
CA THR B 31 8.92 20.65 25.69
C THR B 31 8.97 19.16 26.01
N VAL B 32 9.97 18.49 25.47
CA VAL B 32 10.14 17.06 25.69
C VAL B 32 10.27 16.77 27.18
N LYS B 33 11.33 17.27 27.83
CA LYS B 33 11.50 17.02 29.25
C LYS B 33 10.40 17.69 30.06
N SER B 34 9.51 18.43 29.40
CA SER B 34 8.42 19.12 30.09
C SER B 34 7.29 18.11 30.29
N GLN B 35 7.08 17.29 29.26
CA GLN B 35 6.06 16.23 29.24
C GLN B 35 6.63 15.07 30.06
N LEU B 36 7.91 15.21 30.41
CA LEU B 36 8.66 14.27 31.24
C LEU B 36 8.22 12.79 31.15
N PRO B 37 8.11 12.07 32.28
CA PRO B 37 7.70 10.67 32.14
C PRO B 37 6.22 10.32 31.90
N LEU B 38 5.85 9.21 32.52
CA LEU B 38 4.52 8.59 32.47
C LEU B 38 3.33 9.32 33.04
N LYS B 39 2.97 10.50 32.55
CA LYS B 39 1.79 11.10 33.13
C LYS B 39 0.70 10.04 32.93
N LYS B 40 0.28 9.93 31.68
CA LYS B 40 -0.76 8.97 31.27
C LYS B 40 -0.29 8.45 29.91
N PRO B 41 -0.52 7.17 29.61
CA PRO B 41 -0.09 6.64 28.32
C PRO B 41 -0.62 7.46 27.13
N LEU B 42 0.00 7.21 25.98
CA LEU B 42 -0.38 7.89 24.75
C LEU B 42 -1.01 6.90 23.79
N PRO B 43 -2.09 7.32 23.12
CA PRO B 43 -2.79 6.46 22.17
C PRO B 43 -1.93 6.00 20.99
N LEU B 44 -1.91 4.68 20.77
CA LEU B 44 -1.16 4.07 19.67
C LEU B 44 -2.15 3.81 18.55
N THR B 45 -2.02 4.55 17.45
CA THR B 45 -2.93 4.42 16.31
C THR B 45 -2.27 3.93 15.03
N VAL B 46 -3.10 3.55 14.06
CA VAL B 46 -2.63 3.08 12.76
C VAL B 46 -2.78 4.17 11.72
N GLU B 47 -1.65 4.72 11.29
CA GLU B 47 -1.62 5.77 10.28
C GLU B 47 -2.27 7.07 10.70
N HIS B 48 -2.09 7.42 11.96
CA HIS B 48 -2.62 8.66 12.47
C HIS B 48 -4.13 8.71 12.40
N LEU B 49 -4.76 7.53 12.39
CA LEU B 49 -6.22 7.44 12.34
C LEU B 49 -6.75 7.32 13.78
N PRO B 50 -7.44 8.36 14.28
CA PRO B 50 -8.02 8.38 15.63
C PRO B 50 -8.99 7.23 15.86
N ASP B 51 -9.50 6.70 14.75
CA ASP B 51 -10.45 5.60 14.76
C ASP B 51 -9.73 4.24 14.53
N ALA B 52 -8.41 4.28 14.56
CA ALA B 52 -7.59 3.08 14.37
C ALA B 52 -6.67 2.82 15.57
N PRO B 53 -7.20 2.93 16.81
CA PRO B 53 -6.38 2.68 18.02
C PRO B 53 -6.15 1.19 18.16
N VAL B 54 -4.90 0.78 18.22
CA VAL B 54 -4.58 -0.63 18.34
C VAL B 54 -3.82 -0.99 19.62
N GLY B 55 -3.38 0.03 20.35
CA GLY B 55 -2.65 -0.22 21.58
C GLY B 55 -2.45 1.04 22.40
N SER B 56 -1.30 1.13 23.07
CA SER B 56 -1.02 2.30 23.88
C SER B 56 0.48 2.44 24.15
N VAL B 57 0.96 3.68 24.16
CA VAL B 57 2.37 3.99 24.41
C VAL B 57 2.49 4.13 25.93
N PHE B 58 3.32 3.29 26.53
CA PHE B 58 3.49 3.34 28.00
C PHE B 58 4.81 3.97 28.46
N GLY B 59 5.32 4.92 27.70
CA GLY B 59 6.54 5.59 28.08
C GLY B 59 7.41 5.99 26.90
N LEU B 60 8.08 7.13 27.06
CA LEU B 60 9.01 7.67 26.06
C LEU B 60 10.24 8.01 26.89
N TYR B 61 11.42 7.82 26.32
CA TYR B 61 12.64 8.06 27.06
C TYR B 61 13.72 8.72 26.20
N GLN B 62 14.71 9.33 26.82
CA GLN B 62 15.78 9.97 26.06
C GLN B 62 17.10 9.20 26.13
N SER B 63 17.93 9.38 25.13
CA SER B 63 19.20 8.68 25.07
C SER B 63 20.26 9.55 24.40
N SER B 64 21.51 9.13 24.47
CA SER B 64 22.57 9.89 23.82
C SER B 64 22.30 9.66 22.32
N ALA B 65 21.30 8.82 22.04
CA ALA B 65 20.90 8.47 20.68
C ALA B 65 19.67 9.26 20.22
N GLY B 66 18.67 9.38 21.08
CA GLY B 66 17.46 10.10 20.76
C GLY B 66 16.28 9.63 21.59
N LEU B 67 15.12 10.25 21.40
CA LEU B 67 13.89 9.89 22.11
C LEU B 67 13.41 8.48 21.74
N PHE B 68 13.13 7.67 22.76
CA PHE B 68 12.69 6.30 22.57
C PHE B 68 11.26 6.11 23.03
N SER B 69 10.48 5.37 22.25
CA SER B 69 9.08 5.11 22.59
C SER B 69 8.78 3.62 22.72
N ALA B 70 8.13 3.26 23.82
CA ALA B 70 7.75 1.87 24.07
C ALA B 70 6.22 1.78 24.20
N ALA B 71 5.60 0.96 23.36
CA ALA B 71 4.14 0.79 23.37
C ALA B 71 3.77 -0.66 23.23
N SER B 72 2.47 -0.91 23.28
CA SER B 72 1.98 -2.27 23.18
C SER B 72 0.63 -2.31 22.48
N ILE B 73 0.50 -3.30 21.61
CA ILE B 73 -0.72 -3.50 20.85
C ILE B 73 -1.61 -4.52 21.55
N THR B 74 -2.76 -4.04 22.01
CA THR B 74 -3.75 -4.83 22.74
C THR B 74 -5.11 -4.98 22.04
N SER B 75 -5.21 -4.59 20.77
CA SER B 75 -6.48 -4.70 20.04
C SER B 75 -6.70 -6.11 19.54
N GLY B 76 -7.61 -6.84 20.21
CA GLY B 76 -7.87 -8.21 19.80
C GLY B 76 -8.28 -8.33 18.35
N ASP B 77 -9.22 -7.51 17.93
CA ASP B 77 -9.71 -7.54 16.56
C ASP B 77 -8.68 -7.04 15.55
N PHE B 78 -7.65 -6.35 16.03
CA PHE B 78 -6.60 -5.87 15.15
C PHE B 78 -5.48 -6.90 15.12
N LEU B 79 -5.28 -7.55 16.27
CA LEU B 79 -4.24 -8.57 16.42
C LEU B 79 -4.56 -9.79 15.54
N SER B 80 -5.85 -10.03 15.33
CA SER B 80 -6.34 -11.13 14.51
C SER B 80 -6.33 -10.74 13.02
N LEU B 81 -6.24 -9.44 12.77
CA LEU B 81 -6.21 -8.87 11.42
C LEU B 81 -4.86 -9.05 10.80
N LEU B 82 -3.83 -8.91 11.64
CA LEU B 82 -2.45 -9.08 11.22
C LEU B 82 -2.27 -10.54 10.94
N ASP B 83 -3.14 -11.34 11.55
CA ASP B 83 -3.12 -12.77 11.41
C ASP B 83 -3.68 -13.11 10.04
N SER B 84 -4.88 -12.61 9.76
CA SER B 84 -5.52 -12.85 8.48
C SER B 84 -4.55 -12.32 7.45
N ILE B 85 -4.41 -11.01 7.41
CA ILE B 85 -3.52 -10.34 6.48
C ILE B 85 -2.22 -11.09 6.13
N TYR B 86 -1.61 -11.73 7.11
CA TYR B 86 -0.34 -12.47 6.91
C TYR B 86 -0.28 -13.51 5.79
N HIS B 87 -1.23 -14.43 5.77
CA HIS B 87 -1.19 -15.48 4.75
C HIS B 87 -1.81 -15.07 3.40
N ASP B 88 -2.07 -13.77 3.27
CA ASP B 88 -2.62 -13.20 2.03
C ASP B 88 -1.67 -12.12 1.53
N CYS B 89 -0.50 -12.05 2.17
CA CYS B 89 0.52 -11.08 1.82
C CYS B 89 1.89 -11.73 1.65
N ASP B 90 2.28 -11.95 0.38
CA ASP B 90 3.57 -12.55 0.05
C ASP B 90 4.72 -11.76 0.68
N ILE B 91 4.57 -10.45 0.77
CA ILE B 91 5.60 -9.60 1.35
C ILE B 91 5.79 -9.83 2.85
N ALA B 92 4.71 -10.21 3.52
CA ALA B 92 4.75 -10.49 4.95
C ALA B 92 5.43 -11.85 5.14
N GLN B 93 4.97 -12.84 4.39
CA GLN B 93 5.48 -14.19 4.45
C GLN B 93 6.99 -14.35 4.14
N SER B 94 7.44 -13.81 3.02
CA SER B 94 8.84 -13.93 2.65
C SER B 94 9.68 -13.16 3.66
N GLN B 95 10.90 -13.63 3.89
CA GLN B 95 11.79 -12.99 4.84
C GLN B 95 13.09 -12.56 4.20
N ARG B 96 13.65 -11.45 4.68
CA ARG B 96 14.91 -10.94 4.17
C ARG B 96 15.94 -11.99 4.57
N LEU B 97 15.91 -12.35 5.85
CA LEU B 97 16.82 -13.36 6.38
C LEU B 97 15.98 -14.39 7.14
N PRO B 98 16.30 -15.69 6.97
CA PRO B 98 15.61 -16.82 7.61
C PRO B 98 15.43 -16.70 9.12
N LEU B 99 14.19 -16.87 9.56
CA LEU B 99 13.84 -16.80 10.96
C LEU B 99 12.53 -17.52 11.16
N PRO B 100 12.24 -17.96 12.39
CA PRO B 100 10.99 -18.67 12.66
C PRO B 100 9.76 -17.90 12.14
N ARG B 101 8.72 -18.65 11.78
CA ARG B 101 7.48 -18.09 11.27
C ARG B 101 6.72 -17.34 12.36
N GLU B 102 6.73 -16.01 12.30
CA GLU B 102 6.03 -15.21 13.30
C GLU B 102 4.94 -14.32 12.68
N PRO B 103 3.74 -14.89 12.51
CA PRO B 103 2.57 -14.22 11.93
C PRO B 103 2.38 -12.74 12.20
N LYS B 104 1.52 -12.43 13.16
CA LYS B 104 1.21 -11.05 13.50
C LYS B 104 2.36 -10.05 13.39
N VAL B 105 3.55 -10.41 13.87
CA VAL B 105 4.70 -9.49 13.83
C VAL B 105 5.33 -9.30 12.45
N GLU B 106 5.37 -10.36 11.66
CA GLU B 106 5.93 -10.25 10.34
C GLU B 106 5.03 -9.37 9.48
N ALA B 107 3.72 -9.39 9.79
CA ALA B 107 2.73 -8.57 9.09
C ALA B 107 2.93 -7.10 9.50
N LEU B 108 3.19 -6.86 10.77
CA LEU B 108 3.43 -5.52 11.28
C LEU B 108 4.59 -4.87 10.54
N HIS B 109 5.67 -5.62 10.36
CA HIS B 109 6.87 -5.15 9.68
C HIS B 109 6.73 -4.85 8.18
N ALA B 110 5.75 -5.47 7.53
CA ALA B 110 5.52 -5.27 6.09
C ALA B 110 4.48 -4.19 5.86
N TRP B 111 3.51 -4.17 6.76
CA TRP B 111 2.41 -3.23 6.73
C TRP B 111 2.78 -1.88 7.35
N LEU B 112 3.26 -1.90 8.60
CA LEU B 112 3.58 -0.67 9.33
C LEU B 112 4.98 -0.64 9.99
N PRO B 113 6.04 -0.54 9.18
CA PRO B 113 7.46 -0.48 9.55
C PRO B 113 7.94 0.57 10.57
N SER B 114 7.66 1.84 10.30
CA SER B 114 8.11 2.92 11.16
C SER B 114 7.16 3.40 12.26
N LEU B 115 7.69 4.32 13.05
CA LEU B 115 6.97 4.96 14.15
C LEU B 115 6.91 6.43 13.88
N SER B 116 5.82 7.05 14.32
CA SER B 116 5.66 8.48 14.12
C SER B 116 5.06 9.11 15.37
N LEU B 117 5.78 10.06 15.95
CA LEU B 117 5.30 10.77 17.13
C LEU B 117 4.65 12.10 16.71
N ALA B 118 3.35 12.22 16.95
CA ALA B 118 2.61 13.43 16.60
C ALA B 118 2.33 14.21 17.87
N SER B 119 2.42 15.54 17.78
CA SER B 119 2.17 16.43 18.92
C SER B 119 1.25 17.59 18.53
N LEU B 120 0.37 18.03 19.41
CA LEU B 120 -0.48 19.14 19.01
C LEU B 120 0.03 20.43 19.63
N HIS B 121 -0.47 21.55 19.20
CA HIS B 121 0.09 22.73 19.82
C HIS B 121 -1.07 23.62 20.13
N PRO B 122 -1.13 24.10 21.38
CA PRO B 122 -2.24 24.97 21.77
C PRO B 122 -2.37 26.06 20.72
N ASP B 123 -1.36 26.09 19.84
CA ASP B 123 -1.21 27.01 18.72
C ASP B 123 -2.34 28.04 18.65
N ILE B 124 -1.90 29.29 18.61
CA ILE B 124 -2.69 30.49 18.56
C ILE B 124 -2.41 31.18 19.88
N PRO B 125 -2.47 30.46 21.00
CA PRO B 125 -2.15 31.26 22.18
C PRO B 125 -0.64 31.30 22.48
N GLN B 126 0.16 30.49 21.78
CA GLN B 126 1.63 30.42 21.98
C GLN B 126 2.14 30.37 23.41
N THR B 127 3.16 29.53 23.67
CA THR B 127 3.72 29.44 25.02
C THR B 127 5.24 29.25 25.09
N THR B 128 5.76 29.35 26.30
CA THR B 128 7.18 29.18 26.58
C THR B 128 7.33 28.77 28.04
N ALA B 129 7.15 27.47 28.29
CA ALA B 129 7.26 26.91 29.64
C ALA B 129 8.55 27.38 30.27
N ASP B 130 8.58 28.66 30.64
CA ASP B 130 9.75 29.28 31.25
C ASP B 130 10.98 28.58 30.66
N GLY B 131 11.09 28.70 29.34
CA GLY B 131 12.17 28.07 28.62
C GLY B 131 11.61 26.84 27.89
N GLY B 132 11.21 27.03 26.64
CA GLY B 132 10.65 25.93 25.86
C GLY B 132 9.26 26.22 25.35
N LYS B 133 9.02 26.03 24.06
CA LYS B 133 7.72 26.29 23.44
C LYS B 133 6.71 25.14 23.54
N LEU B 134 5.52 25.47 24.05
CA LEU B 134 4.44 24.51 24.26
C LEU B 134 4.00 23.60 23.12
N SER B 135 3.79 22.34 23.50
CA SER B 135 3.37 21.28 22.60
C SER B 135 2.82 20.19 23.51
N PHE B 136 1.92 19.36 22.98
CA PHE B 136 1.33 18.28 23.77
C PHE B 136 1.37 16.97 22.99
N PHE B 137 2.01 15.96 23.57
CA PHE B 137 2.10 14.64 22.94
C PHE B 137 0.70 14.01 22.98
N ASP B 138 0.07 13.78 21.83
CA ASP B 138 -1.26 13.17 21.89
C ASP B 138 -1.29 11.71 21.44
N HIS B 139 -0.34 11.30 20.60
CA HIS B 139 -0.28 9.92 20.16
C HIS B 139 0.94 9.56 19.32
N VAL B 140 1.21 8.25 19.26
CA VAL B 140 2.29 7.72 18.46
C VAL B 140 1.57 6.77 17.53
N SER B 141 1.91 6.83 16.25
CA SER B 141 1.29 5.98 15.25
C SER B 141 2.31 5.10 14.57
N ILE B 142 1.85 3.94 14.14
CA ILE B 142 2.69 2.98 13.41
C ILE B 142 2.36 3.31 11.96
N CYS B 143 3.40 3.51 11.16
CA CYS B 143 3.21 3.86 9.76
C CYS B 143 4.11 3.14 8.77
N ALA B 144 3.87 3.37 7.48
CA ALA B 144 4.66 2.76 6.41
C ALA B 144 6.07 3.35 6.37
N LEU B 145 6.19 4.56 6.90
CA LEU B 145 7.46 5.26 6.94
C LEU B 145 7.25 6.52 7.74
N GLY B 146 7.97 6.65 8.85
CA GLY B 146 7.87 7.82 9.69
C GLY B 146 8.58 8.96 9.01
N ARG B 147 8.23 10.19 9.34
CA ARG B 147 8.87 11.34 8.72
C ARG B 147 10.34 11.53 9.18
N ARG B 148 10.61 11.19 10.45
CA ARG B 148 11.96 11.33 10.99
C ARG B 148 12.74 10.06 10.69
N ARG B 149 14.00 10.20 10.31
CA ARG B 149 14.86 9.05 9.99
C ARG B 149 15.25 8.24 11.22
N GLY B 150 15.47 6.93 11.01
CA GLY B 150 15.83 6.04 12.10
C GLY B 150 14.67 5.76 13.06
N THR B 151 13.45 5.92 12.55
CA THR B 151 12.20 5.72 13.33
C THR B 151 11.67 4.29 13.19
N THR B 152 12.38 3.49 12.42
CA THR B 152 12.02 2.11 12.18
C THR B 152 11.86 1.34 13.50
N ALA B 153 10.73 0.64 13.65
CA ALA B 153 10.45 -0.10 14.88
C ALA B 153 10.84 -1.58 14.89
N VAL B 154 10.50 -2.22 16.00
CA VAL B 154 10.76 -3.63 16.26
C VAL B 154 9.56 -4.19 17.01
N TYR B 155 9.03 -5.31 16.55
CA TYR B 155 7.86 -5.94 17.17
C TYR B 155 8.25 -7.26 17.86
N GLY B 156 7.64 -7.53 19.02
CA GLY B 156 7.95 -8.74 19.75
C GLY B 156 6.99 -9.11 20.87
N THR B 157 7.20 -10.30 21.45
CA THR B 157 6.36 -10.80 22.53
C THR B 157 6.93 -10.44 23.89
N ASP B 158 8.21 -10.04 23.90
CA ASP B 158 8.85 -9.65 25.15
C ASP B 158 9.90 -8.57 24.94
N LEU B 159 9.75 -7.46 25.68
CA LEU B 159 10.66 -6.32 25.58
C LEU B 159 12.11 -6.73 25.68
N ALA B 160 12.38 -7.69 26.55
CA ALA B 160 13.73 -8.19 26.74
C ALA B 160 14.38 -8.31 25.37
N TRP B 161 13.79 -9.18 24.55
CA TRP B 161 14.26 -9.43 23.21
C TRP B 161 14.06 -8.24 22.28
N VAL B 162 12.92 -7.56 22.40
CA VAL B 162 12.64 -6.41 21.54
C VAL B 162 13.61 -5.23 21.75
N LEU B 163 14.08 -5.06 22.98
CA LEU B 163 15.00 -3.98 23.32
C LEU B 163 16.47 -4.28 23.04
N LYS B 164 16.76 -5.56 22.82
CA LYS B 164 18.12 -5.99 22.54
C LYS B 164 18.64 -5.41 21.22
N HIS B 165 17.73 -5.23 20.28
CA HIS B 165 18.03 -4.73 18.94
C HIS B 165 18.69 -3.33 18.92
N PHE B 166 18.39 -2.53 19.92
CA PHE B 166 18.90 -1.17 20.02
C PHE B 166 20.12 -1.08 20.95
N SER B 167 21.27 -1.52 20.45
CA SER B 167 22.50 -1.51 21.24
C SER B 167 22.91 -0.12 21.72
N ASP B 168 22.36 0.92 21.09
CA ASP B 168 22.65 2.30 21.48
C ASP B 168 21.68 2.77 22.56
N LEU B 169 20.97 1.83 23.17
CA LEU B 169 20.01 2.12 24.23
C LEU B 169 20.61 1.93 25.61
N GLU B 170 20.87 3.04 26.29
CA GLU B 170 21.45 3.01 27.61
C GLU B 170 20.70 2.01 28.47
N PRO B 171 21.41 0.97 28.94
CA PRO B 171 20.83 -0.08 29.78
C PRO B 171 19.95 0.48 30.91
N SER B 172 20.27 1.70 31.35
CA SER B 172 19.53 2.36 32.44
C SER B 172 18.05 2.59 32.06
N ILE B 173 17.82 2.93 30.80
CA ILE B 173 16.50 3.17 30.24
C ILE B 173 15.78 1.85 30.06
N ALA B 174 16.47 0.94 29.38
CA ALA B 174 15.94 -0.39 29.09
C ALA B 174 15.55 -1.12 30.38
N ALA B 175 16.41 -1.03 31.38
CA ALA B 175 16.16 -1.68 32.66
C ALA B 175 14.85 -1.22 33.27
N GLN B 176 14.61 0.09 33.23
CA GLN B 176 13.41 0.68 33.81
C GLN B 176 12.18 0.56 32.92
N ILE B 177 12.40 0.63 31.61
CA ILE B 177 11.32 0.54 30.63
C ILE B 177 10.63 -0.83 30.75
N GLU B 178 11.39 -1.86 31.10
CA GLU B 178 10.85 -3.21 31.25
C GLU B 178 9.85 -3.25 32.40
N ASN B 179 9.84 -2.20 33.21
CA ASN B 179 8.94 -2.13 34.36
C ASN B 179 7.66 -1.37 34.05
N ASP B 180 7.76 -0.31 33.27
CA ASP B 180 6.60 0.49 32.90
C ASP B 180 5.62 -0.40 32.14
N ALA B 181 6.14 -1.49 31.58
CA ALA B 181 5.33 -2.45 30.84
C ALA B 181 4.46 -3.27 31.78
N ASN B 182 5.07 -3.79 32.84
CA ASN B 182 4.35 -4.58 33.84
C ASN B 182 3.39 -3.64 34.57
N ALA B 183 3.86 -2.43 34.80
CA ALA B 183 3.07 -1.42 35.48
C ALA B 183 1.80 -1.13 34.70
N ALA B 184 1.95 -0.82 33.42
CA ALA B 184 0.79 -0.50 32.58
C ALA B 184 -0.13 -1.71 32.39
N LYS B 185 0.42 -2.92 32.57
CA LYS B 185 -0.35 -4.16 32.43
C LYS B 185 -1.57 -4.25 33.37
N ARG B 186 -1.88 -3.15 34.06
CA ARG B 186 -3.01 -3.08 34.97
C ARG B 186 -4.23 -2.58 34.22
N GLU B 187 -3.95 -1.95 33.08
CA GLU B 187 -4.98 -1.38 32.18
C GLU B 187 -6.09 -2.43 32.12
N SER B 188 -7.33 -1.96 32.09
CA SER B 188 -8.48 -2.86 32.07
C SER B 188 -8.67 -3.60 30.75
N GLY B 189 -9.83 -3.37 30.11
CA GLY B 189 -10.13 -4.04 28.85
C GLY B 189 -11.11 -3.21 28.05
N CYS B 190 -10.75 -2.95 26.79
CA CYS B 190 -11.59 -2.11 25.93
C CYS B 190 -11.76 -2.64 24.51
N PRO B 191 -12.24 -3.89 24.35
CA PRO B 191 -12.46 -4.48 23.02
C PRO B 191 -13.61 -3.79 22.24
N GLU B 192 -13.74 -4.05 20.94
CA GLU B 192 -14.77 -3.41 20.12
C GLU B 192 -14.84 -1.89 20.41
N ASP B 193 -13.76 -1.20 20.08
CA ASP B 193 -13.63 0.24 20.30
C ASP B 193 -13.79 1.00 18.99
N HIS B 194 -13.67 0.29 17.88
CA HIS B 194 -13.77 0.89 16.55
C HIS B 194 -13.34 -0.22 15.59
N PRO B 195 -14.24 -1.16 15.28
CA PRO B 195 -13.88 -2.26 14.37
C PRO B 195 -12.45 -2.14 13.84
N LEU B 196 -12.29 -1.26 12.85
CA LEU B 196 -11.04 -0.95 12.17
C LEU B 196 -11.42 -0.50 10.78
N PRO B 197 -11.18 0.78 10.46
CA PRO B 197 -11.48 1.45 9.19
C PRO B 197 -10.78 0.74 8.04
N LEU B 198 -11.19 -0.49 7.73
CA LEU B 198 -10.54 -1.23 6.66
C LEU B 198 -10.39 -0.38 5.42
N THR B 199 -11.40 0.44 5.17
CA THR B 199 -11.42 1.31 4.01
C THR B 199 -10.39 2.42 4.18
N LYS B 200 -10.32 2.98 5.38
CA LYS B 200 -9.37 4.04 5.66
C LYS B 200 -7.96 3.46 5.66
N LEU B 201 -7.83 2.21 6.10
CA LEU B 201 -6.54 1.52 6.16
C LEU B 201 -6.03 1.17 4.76
N ILE B 202 -6.95 0.79 3.87
CA ILE B 202 -6.57 0.45 2.51
C ILE B 202 -6.07 1.72 1.83
N ALA B 203 -6.77 2.83 2.03
CA ALA B 203 -6.40 4.11 1.46
C ALA B 203 -4.99 4.46 1.91
N LYS B 204 -4.73 4.28 3.20
CA LYS B 204 -3.42 4.57 3.77
C LYS B 204 -2.37 3.65 3.17
N ALA B 205 -2.79 2.44 2.78
CA ALA B 205 -1.89 1.47 2.16
C ALA B 205 -1.64 1.86 0.71
N ILE B 206 -2.64 2.50 0.10
CA ILE B 206 -2.52 2.95 -1.29
C ILE B 206 -1.51 4.08 -1.37
N ASP B 207 -1.55 5.00 -0.40
CA ASP B 207 -0.63 6.13 -0.37
C ASP B 207 0.80 5.61 -0.30
N ALA B 208 0.96 4.47 0.38
CA ALA B 208 2.26 3.85 0.56
C ALA B 208 2.75 3.12 -0.68
N GLY B 209 2.02 3.25 -1.77
CA GLY B 209 2.41 2.62 -3.01
C GLY B 209 3.18 3.62 -3.86
N PHE B 210 3.03 4.90 -3.55
CA PHE B 210 3.70 5.98 -4.29
C PHE B 210 4.87 6.62 -3.58
N LEU B 211 5.54 5.84 -2.73
CA LEU B 211 6.70 6.31 -1.99
C LEU B 211 7.97 5.96 -2.75
N ARG B 212 8.58 6.96 -3.38
CA ARG B 212 9.82 6.75 -4.12
C ARG B 212 10.98 6.46 -3.15
N ASN B 213 11.68 5.36 -3.39
CA ASN B 213 12.83 4.96 -2.56
C ASN B 213 12.49 4.73 -1.08
N ARG B 214 11.43 3.97 -0.83
CA ARG B 214 10.99 3.69 0.53
C ARG B 214 11.73 2.50 1.14
N VAL B 215 11.92 1.44 0.37
CA VAL B 215 12.62 0.28 0.89
C VAL B 215 14.09 0.58 1.17
N GLU B 216 14.66 1.47 0.38
CA GLU B 216 16.06 1.90 0.48
C GLU B 216 16.23 2.89 1.65
N THR B 217 15.12 3.48 2.07
CA THR B 217 15.09 4.44 3.18
C THR B 217 14.84 3.68 4.48
N LEU B 218 14.12 2.57 4.39
CA LEU B 218 13.85 1.73 5.56
C LEU B 218 15.12 0.96 5.93
N ARG B 219 16.02 0.83 4.95
CA ARG B 219 17.31 0.17 5.11
C ARG B 219 18.18 1.03 6.00
N GLN B 220 18.33 2.28 5.59
CA GLN B 220 19.12 3.27 6.28
C GLN B 220 18.60 3.47 7.69
N ASP B 221 17.30 3.27 7.87
CA ASP B 221 16.66 3.44 9.18
C ASP B 221 17.04 2.36 10.19
N ARG B 222 17.12 1.12 9.73
CA ARG B 222 17.52 0.01 10.60
C ARG B 222 18.99 0.19 10.96
N GLY B 223 19.74 0.77 10.03
CA GLY B 223 21.16 1.02 10.26
C GLY B 223 21.34 2.17 11.23
N VAL B 224 20.54 3.22 11.06
CA VAL B 224 20.58 4.43 11.91
C VAL B 224 20.16 4.09 13.34
N ALA B 225 19.22 3.15 13.47
CA ALA B 225 18.74 2.74 14.77
C ALA B 225 19.72 1.71 15.34
N ASN B 226 20.67 1.29 14.50
CA ASN B 226 21.65 0.28 14.87
C ASN B 226 20.97 -0.93 15.51
N ILE B 227 20.04 -1.46 14.73
CA ILE B 227 19.26 -2.64 15.05
C ILE B 227 20.01 -3.75 14.30
N PRO B 228 20.04 -4.98 14.84
CA PRO B 228 20.75 -6.09 14.17
C PRO B 228 20.20 -6.47 12.80
N ALA B 229 21.12 -6.65 11.86
CA ALA B 229 20.78 -7.01 10.49
C ALA B 229 20.09 -8.39 10.36
N GLU B 230 19.89 -9.06 11.50
CA GLU B 230 19.23 -10.38 11.55
C GLU B 230 17.85 -10.22 12.20
N SER B 231 17.25 -9.06 11.97
CA SER B 231 15.93 -8.71 12.52
C SER B 231 14.75 -9.15 11.65
N TYR B 232 13.55 -9.11 12.22
CA TYR B 232 12.34 -9.52 11.50
C TYR B 232 11.86 -8.45 10.52
N LEU B 233 12.57 -7.33 10.50
CA LEU B 233 12.26 -6.21 9.62
C LEU B 233 12.31 -6.68 8.17
N LYS B 234 11.65 -5.95 7.28
CA LYS B 234 11.66 -6.35 5.88
C LYS B 234 12.70 -5.57 5.05
N ALA B 235 13.27 -4.51 5.64
CA ALA B 235 14.25 -3.68 4.94
C ALA B 235 15.43 -3.30 5.81
#